data_2ZB8
#
_entry.id   2ZB8
#
_cell.length_a   68.482
_cell.length_b   84.079
_cell.length_c   73.318
_cell.angle_alpha   90.00
_cell.angle_beta   109.48
_cell.angle_gamma   90.00
#
_symmetry.space_group_name_H-M   'C 1 2 1'
#
loop_
_entity.id
_entity.type
_entity.pdbx_description
1 polymer 'Prostaglandin reductase 2'
2 non-polymer 'SULFATE ION'
3 non-polymer 'NADP NICOTINAMIDE-ADENINE-DINUCLEOTIDE PHOSPHATE'
4 non-polymer INDOMETHACIN
5 water water
#
_entity_poly.entity_id   1
_entity_poly.type   'polypeptide(L)'
_entity_poly.pdbx_seq_one_letter_code
;AAAAAAMIVQRVVLNSRPGKNGNPVAENFRMEEVYLPDNINEGQVQVRTLYLSVDPYMRCRMNEDTGTDYITPWQLSQVV
DGGGIGIIEESKHTNLTKGDFVTSFYWPWQTKVILDGNSLEKVDPQLVDGHLSYFLGAIGMPGLTSLIGIQEKGHITAGS
NKTMVVSGAAGACGSVAGQIGHFLGCSRVVGICGTHEKCILLTSELGFDAAINYKKDNVAEQLRESCPAGVDVYFDNVGG
NISDTVISQMNENSHIILCGQISQYNKDVPYPPPLSPAIEAIQKERNITRERFLVLNYKDKFEPGILQLSQWFKEGKLKI
KETVINGLENMGAAFQSMMTGGNIGKQIVCISEEISL
;
_entity_poly.pdbx_strand_id   A
#
loop_
_chem_comp.id
_chem_comp.type
_chem_comp.name
_chem_comp.formula
IMN non-polymer INDOMETHACIN 'C19 H16 Cl N O4'
NAP non-polymer 'NADP NICOTINAMIDE-ADENINE-DINUCLEOTIDE PHOSPHATE' 'C21 H28 N7 O17 P3'
SO4 non-polymer 'SULFATE ION' 'O4 S -2'
#
# COMPACT_ATOMS: atom_id res chain seq x y z
N MET A 7 -4.67 4.26 34.04
CA MET A 7 -5.26 3.38 32.97
C MET A 7 -4.29 2.34 32.35
N ILE A 8 -4.78 1.12 32.10
CA ILE A 8 -3.95 0.10 31.48
C ILE A 8 -4.38 -0.15 30.02
N VAL A 9 -3.44 0.05 29.09
CA VAL A 9 -3.62 -0.17 27.65
C VAL A 9 -2.79 -1.33 27.05
N GLN A 10 -3.16 -1.79 25.85
CA GLN A 10 -2.43 -2.85 25.17
C GLN A 10 -1.45 -2.26 24.13
N ARG A 11 -0.36 -2.94 23.90
CA ARG A 11 0.58 -2.44 22.89
C ARG A 11 1.28 -3.60 22.30
N VAL A 12 1.85 -3.39 21.12
CA VAL A 12 2.56 -4.43 20.48
C VAL A 12 4.00 -4.01 20.30
N VAL A 13 4.90 -4.94 20.63
CA VAL A 13 6.32 -4.70 20.50
C VAL A 13 6.93 -5.76 19.60
N LEU A 14 8.14 -5.49 19.11
CA LEU A 14 8.82 -6.46 18.28
C LEU A 14 9.46 -7.49 19.23
N ASN A 15 9.07 -8.74 19.00
CA ASN A 15 9.51 -9.88 19.75
C ASN A 15 10.80 -10.50 19.18
N SER A 16 10.80 -10.81 17.88
CA SER A 16 11.96 -11.38 17.22
C SER A 16 12.10 -10.93 15.76
N ARG A 17 13.30 -11.12 15.20
CA ARG A 17 13.57 -10.74 13.83
C ARG A 17 13.50 -12.00 13.01
N PRO A 18 13.00 -11.92 11.77
CA PRO A 18 12.98 -13.19 11.07
C PRO A 18 14.23 -13.48 10.30
N GLY A 19 15.15 -12.51 10.25
CA GLY A 19 16.34 -12.74 9.44
C GLY A 19 16.14 -12.12 8.06
N LYS A 20 17.17 -11.46 7.56
CA LYS A 20 17.09 -10.82 6.26
C LYS A 20 16.58 -11.70 5.16
N ASN A 21 16.71 -13.01 5.33
CA ASN A 21 16.24 -13.95 4.33
C ASN A 21 15.07 -14.75 4.87
N GLY A 22 14.57 -14.37 6.03
CA GLY A 22 13.44 -15.09 6.59
C GLY A 22 12.06 -14.55 6.19
N ASN A 23 11.05 -15.34 6.52
CA ASN A 23 9.64 -15.06 6.24
C ASN A 23 9.12 -14.45 7.52
N PRO A 24 8.41 -13.33 7.43
CA PRO A 24 7.90 -12.72 8.67
C PRO A 24 6.69 -13.52 9.15
N VAL A 25 6.55 -13.65 10.47
CA VAL A 25 5.45 -14.35 11.07
C VAL A 25 4.85 -13.65 12.29
N ALA A 26 3.63 -14.01 12.62
CA ALA A 26 2.94 -13.42 13.75
C ALA A 26 3.76 -13.45 15.06
N GLU A 27 4.62 -14.46 15.23
CA GLU A 27 5.44 -14.62 16.45
C GLU A 27 6.55 -13.56 16.55
N ASN A 28 6.87 -12.90 15.45
CA ASN A 28 7.87 -11.85 15.49
C ASN A 28 7.32 -10.67 16.30
N PHE A 29 6.08 -10.78 16.75
CA PHE A 29 5.45 -9.72 17.52
C PHE A 29 4.85 -10.28 18.80
N ARG A 30 4.74 -9.43 19.80
CA ARG A 30 4.22 -9.82 21.09
C ARG A 30 3.39 -8.68 21.64
N MET A 31 2.22 -9.02 22.18
CA MET A 31 1.35 -8.01 22.75
C MET A 31 1.56 -7.89 24.28
N GLU A 32 1.60 -6.66 24.80
CA GLU A 32 1.74 -6.49 26.23
C GLU A 32 0.84 -5.43 26.76
N GLU A 33 0.69 -5.43 28.09
CA GLU A 33 -0.11 -4.41 28.71
C GLU A 33 0.78 -3.50 29.54
N VAL A 34 0.54 -2.19 29.41
CA VAL A 34 1.29 -1.16 30.09
C VAL A 34 0.36 -0.08 30.61
N TYR A 35 0.84 0.69 31.59
CA TYR A 35 0.07 1.79 32.13
C TYR A 35 0.21 2.96 31.20
N LEU A 36 -0.86 3.74 31.02
CA LEU A 36 -0.79 4.93 30.16
C LEU A 36 -0.61 6.11 31.11
N PRO A 37 0.45 6.92 30.94
CA PRO A 37 0.67 8.06 31.84
C PRO A 37 -0.61 8.85 32.11
N ASP A 38 -0.80 9.33 33.34
CA ASP A 38 -2.01 10.12 33.63
C ASP A 38 -1.81 11.60 33.33
N ASN A 39 -0.59 11.97 32.92
CA ASN A 39 -0.30 13.36 32.60
C ASN A 39 0.20 13.58 31.18
N ILE A 40 -0.31 14.65 30.57
CA ILE A 40 0.08 15.02 29.23
C ILE A 40 0.78 16.37 29.30
N ASN A 41 1.94 16.47 28.68
CA ASN A 41 2.66 17.73 28.69
C ASN A 41 2.03 18.66 27.68
N GLU A 42 2.64 19.84 27.50
CA GLU A 42 2.13 20.84 26.58
C GLU A 42 2.54 20.55 25.14
N GLY A 43 1.59 20.77 24.22
CA GLY A 43 1.85 20.54 22.82
C GLY A 43 1.67 19.06 22.51
N GLN A 44 1.26 18.34 23.54
CA GLN A 44 1.02 16.91 23.49
C GLN A 44 -0.47 16.62 23.63
N VAL A 45 -0.91 15.56 22.98
CA VAL A 45 -2.32 15.14 23.00
C VAL A 45 -2.49 13.66 23.32
N GLN A 46 -3.63 13.30 23.87
CA GLN A 46 -3.92 11.92 24.14
C GLN A 46 -4.94 11.53 23.07
N VAL A 47 -4.65 10.44 22.38
CA VAL A 47 -5.50 9.96 21.28
C VAL A 47 -5.98 8.52 21.50
N ARG A 48 -7.18 8.18 21.05
CA ARG A 48 -7.65 6.78 21.12
C ARG A 48 -7.40 6.25 19.70
N THR A 49 -6.72 5.13 19.59
CA THR A 49 -6.40 4.53 18.29
C THR A 49 -7.65 3.88 17.66
N LEU A 50 -7.98 4.24 16.44
CA LEU A 50 -9.14 3.61 15.76
C LEU A 50 -8.74 2.52 14.78
N TYR A 51 -7.82 2.84 13.86
CA TYR A 51 -7.34 1.86 12.87
C TYR A 51 -5.82 1.97 12.68
N LEU A 52 -5.19 0.84 12.34
CA LEU A 52 -3.77 0.76 12.07
C LEU A 52 -3.60 0.06 10.72
N SER A 53 -2.59 0.50 9.99
CA SER A 53 -2.24 -0.08 8.71
C SER A 53 -1.07 -1.12 8.89
N VAL A 54 -0.99 -2.09 8.00
CA VAL A 54 0.19 -2.96 7.91
C VAL A 54 0.53 -2.73 6.44
N ASP A 55 1.83 -2.65 6.15
CA ASP A 55 2.28 -2.34 4.81
C ASP A 55 3.56 -3.09 4.49
N PRO A 56 3.76 -3.44 3.22
CA PRO A 56 4.94 -4.17 2.85
C PRO A 56 6.28 -3.51 3.24
N TYR A 57 6.39 -2.17 3.20
CA TYR A 57 7.67 -1.54 3.55
C TYR A 57 8.08 -1.94 4.99
N MET A 58 7.12 -2.27 5.85
CA MET A 58 7.44 -2.70 7.21
C MET A 58 8.37 -3.89 7.30
N ARG A 59 8.34 -4.74 6.28
CA ARG A 59 9.23 -5.89 6.25
C ARG A 59 10.71 -5.43 6.42
N CYS A 60 11.07 -4.32 5.80
CA CYS A 60 12.46 -3.91 5.93
C CYS A 60 12.76 -3.35 7.33
N ARG A 61 11.76 -2.87 8.07
CA ARG A 61 11.97 -2.36 9.43
C ARG A 61 12.18 -3.47 10.46
N MET A 62 11.95 -4.71 10.04
CA MET A 62 12.13 -5.86 10.91
C MET A 62 13.58 -6.43 10.85
N ASN A 63 14.33 -5.99 9.86
CA ASN A 63 15.72 -6.42 9.67
C ASN A 63 16.63 -5.46 10.48
N GLU A 64 17.79 -5.96 10.91
CA GLU A 64 18.76 -5.15 11.65
C GLU A 64 19.16 -3.91 10.83
N ASP A 65 19.19 -4.03 9.51
CA ASP A 65 19.55 -2.87 8.71
C ASP A 65 18.58 -2.50 7.59
N THR A 66 18.10 -1.26 7.61
CA THR A 66 17.19 -0.66 6.61
C THR A 66 15.78 -0.43 7.14
N ILE A 71 14.03 4.38 6.88
CA ILE A 71 14.67 5.01 8.07
C ILE A 71 15.18 3.97 9.05
N THR A 72 14.79 4.15 10.29
CA THR A 72 15.18 3.29 11.39
C THR A 72 14.41 1.95 11.41
N PRO A 73 15.07 0.88 11.90
CA PRO A 73 14.41 -0.43 11.97
C PRO A 73 13.70 -0.50 13.31
N TRP A 74 12.73 -1.37 13.46
CA TRP A 74 12.07 -1.52 14.74
C TRP A 74 13.05 -2.16 15.72
N GLN A 75 12.90 -1.86 17.00
CA GLN A 75 13.82 -2.37 17.99
C GLN A 75 13.19 -3.45 18.82
N LEU A 76 13.94 -4.51 19.09
CA LEU A 76 13.39 -5.58 19.91
C LEU A 76 12.85 -5.01 21.21
N SER A 77 11.71 -5.53 21.66
CA SER A 77 11.07 -5.10 22.89
C SER A 77 10.48 -3.69 22.98
N GLN A 78 10.63 -2.89 21.94
CA GLN A 78 10.06 -1.55 21.94
C GLN A 78 8.77 -1.58 21.07
N VAL A 79 7.86 -0.65 21.35
CA VAL A 79 6.61 -0.58 20.63
C VAL A 79 6.83 -0.32 19.11
N VAL A 80 6.05 -1.04 18.29
CA VAL A 80 6.10 -0.93 16.82
C VAL A 80 5.27 0.31 16.42
N ASP A 81 5.47 0.84 15.21
CA ASP A 81 4.62 1.97 14.81
C ASP A 81 4.44 1.98 13.31
N GLY A 82 3.46 2.73 12.85
CA GLY A 82 3.24 2.86 11.41
C GLY A 82 2.01 3.74 11.14
N GLY A 83 1.42 3.65 9.96
CA GLY A 83 0.28 4.48 9.70
C GLY A 83 -0.86 4.18 10.66
N GLY A 84 -1.57 5.23 11.08
CA GLY A 84 -2.67 5.06 12.02
C GLY A 84 -3.65 6.22 11.97
N ILE A 85 -4.86 5.97 12.47
CA ILE A 85 -5.92 6.99 12.50
C ILE A 85 -6.53 6.90 13.88
N GLY A 86 -6.82 8.06 14.48
CA GLY A 86 -7.40 8.01 15.82
C GLY A 86 -8.26 9.21 16.10
N ILE A 87 -8.65 9.36 17.37
CA ILE A 87 -9.47 10.49 17.77
C ILE A 87 -8.86 11.06 19.03
N ILE A 88 -8.77 12.39 19.07
CA ILE A 88 -8.20 13.10 20.21
C ILE A 88 -9.12 13.04 21.42
N GLU A 89 -8.59 12.59 22.55
CA GLU A 89 -9.36 12.54 23.78
C GLU A 89 -8.99 13.76 24.68
N GLU A 90 -7.75 14.23 24.59
CA GLU A 90 -7.28 15.38 25.36
C GLU A 90 -6.17 16.10 24.61
N SER A 91 -6.28 17.43 24.53
CA SER A 91 -5.28 18.22 23.81
C SER A 91 -4.64 19.30 24.67
N LYS A 92 -3.40 19.63 24.32
CA LYS A 92 -2.62 20.67 24.97
C LYS A 92 -1.84 21.33 23.81
N HIS A 93 -2.37 21.11 22.60
CA HIS A 93 -1.79 21.65 21.37
C HIS A 93 -2.84 22.51 20.67
N THR A 94 -2.44 23.69 20.24
CA THR A 94 -3.35 24.63 19.59
C THR A 94 -4.38 24.03 18.67
N ASN A 95 -4.00 23.80 17.42
CA ASN A 95 -4.98 23.29 16.50
C ASN A 95 -5.27 21.80 16.61
N LEU A 96 -5.75 21.40 17.79
CA LEU A 96 -6.14 20.01 18.08
C LEU A 96 -7.09 20.05 19.26
N THR A 97 -8.28 19.48 19.08
CA THR A 97 -9.31 19.50 20.09
C THR A 97 -9.95 18.16 20.35
N LYS A 98 -10.39 17.96 21.59
CA LYS A 98 -11.07 16.73 21.96
C LYS A 98 -12.07 16.51 20.83
N GLY A 99 -12.05 15.29 20.28
CA GLY A 99 -12.97 14.93 19.23
C GLY A 99 -12.44 15.01 17.80
N ASP A 100 -11.27 15.64 17.63
CA ASP A 100 -10.65 15.77 16.30
C ASP A 100 -10.18 14.39 15.83
N PHE A 101 -10.32 14.13 14.53
CA PHE A 101 -9.86 12.88 13.90
C PHE A 101 -8.46 13.17 13.35
N VAL A 102 -7.47 12.37 13.73
CA VAL A 102 -6.12 12.61 13.28
C VAL A 102 -5.41 11.34 12.73
N THR A 103 -4.31 11.55 12.04
CA THR A 103 -3.51 10.47 11.48
C THR A 103 -2.04 10.82 11.60
N SER A 104 -1.18 9.79 11.55
CA SER A 104 0.28 9.96 11.60
C SER A 104 0.98 8.76 10.92
N PHE A 105 2.13 8.98 10.27
CA PHE A 105 2.84 7.84 9.67
C PHE A 105 3.51 7.07 10.77
N TYR A 106 3.60 7.66 11.97
CA TYR A 106 4.27 7.01 13.11
C TYR A 106 3.42 6.75 14.29
N TRP A 107 2.29 6.11 14.08
CA TRP A 107 1.42 5.80 15.16
C TRP A 107 1.88 4.55 15.87
N PRO A 108 2.02 4.63 17.20
CA PRO A 108 2.45 3.45 18.00
C PRO A 108 1.36 2.38 18.00
N TRP A 109 1.75 1.12 17.93
CA TRP A 109 0.78 0.05 17.96
C TRP A 109 0.37 -0.17 19.39
N GLN A 110 -0.53 0.70 19.83
CA GLN A 110 -1.00 0.75 21.23
C GLN A 110 -2.45 1.28 21.23
N THR A 111 -3.31 0.80 22.13
CA THR A 111 -4.73 1.23 22.10
C THR A 111 -4.98 2.74 22.32
N LYS A 112 -4.25 3.34 23.24
CA LYS A 112 -4.35 4.77 23.51
C LYS A 112 -2.91 5.19 23.72
N VAL A 113 -2.55 6.36 23.22
CA VAL A 113 -1.18 6.81 23.34
C VAL A 113 -1.12 8.34 23.50
N ILE A 114 0.00 8.84 24.02
CA ILE A 114 0.22 10.27 24.20
C ILE A 114 1.21 10.71 23.14
N LEU A 115 0.80 11.65 22.32
CA LEU A 115 1.62 12.09 21.21
C LEU A 115 1.81 13.60 21.20
N ASP A 116 2.87 14.06 20.55
CA ASP A 116 3.08 15.50 20.42
C ASP A 116 2.22 15.87 19.22
N GLY A 117 1.32 16.82 19.45
CA GLY A 117 0.40 17.27 18.42
C GLY A 117 1.09 17.64 17.13
N ASN A 118 2.37 17.94 17.22
CA ASN A 118 3.14 18.34 16.04
C ASN A 118 3.35 17.22 15.04
N SER A 119 3.28 15.99 15.50
CA SER A 119 3.46 14.85 14.63
C SER A 119 2.14 14.39 13.98
N LEU A 120 1.02 14.99 14.40
CA LEU A 120 -0.33 14.69 13.93
C LEU A 120 -0.89 15.59 12.85
N GLU A 121 -1.86 15.05 12.13
CA GLU A 121 -2.51 15.77 11.06
C GLU A 121 -4.02 15.52 11.08
N LYS A 122 -4.80 16.59 11.12
CA LYS A 122 -6.24 16.49 11.13
C LYS A 122 -6.72 15.97 9.79
N VAL A 123 -7.77 15.14 9.82
CA VAL A 123 -8.36 14.56 8.63
C VAL A 123 -9.84 14.90 8.66
N ASP A 124 -10.42 15.09 7.49
CA ASP A 124 -11.85 15.45 7.34
C ASP A 124 -12.72 14.27 6.96
N PRO A 125 -13.44 13.72 7.92
CA PRO A 125 -14.31 12.57 7.67
C PRO A 125 -15.17 12.73 6.41
N GLN A 126 -15.54 13.96 6.03
CA GLN A 126 -16.36 14.16 4.81
C GLN A 126 -15.70 13.59 3.57
N LEU A 127 -14.38 13.72 3.46
CA LEU A 127 -13.67 13.14 2.28
C LEU A 127 -13.88 11.63 2.04
N VAL A 128 -14.18 10.88 3.09
CA VAL A 128 -14.37 9.43 2.99
C VAL A 128 -15.76 8.96 3.38
N ASP A 129 -16.69 9.91 3.50
CA ASP A 129 -18.04 9.59 3.90
C ASP A 129 -18.04 8.93 5.27
N GLY A 130 -17.21 9.40 6.17
CA GLY A 130 -17.15 8.78 7.47
C GLY A 130 -16.39 7.44 7.55
N HIS A 131 -15.90 6.88 6.43
CA HIS A 131 -15.18 5.60 6.46
C HIS A 131 -13.74 5.96 6.74
N LEU A 132 -13.43 6.12 8.00
CA LEU A 132 -12.09 6.57 8.37
C LEU A 132 -10.98 5.63 7.96
N SER A 133 -11.21 4.33 7.92
CA SER A 133 -10.12 3.45 7.50
C SER A 133 -9.65 3.73 6.07
N TYR A 134 -10.49 4.38 5.25
CA TYR A 134 -10.05 4.66 3.87
C TYR A 134 -8.81 5.62 3.77
N PHE A 135 -8.61 6.39 4.83
CA PHE A 135 -7.46 7.31 4.90
C PHE A 135 -6.13 6.53 4.99
N LEU A 136 -6.19 5.20 5.23
CA LEU A 136 -4.99 4.36 5.31
C LEU A 136 -4.82 3.59 4.05
N GLY A 137 -5.78 3.78 3.12
CA GLY A 137 -5.75 3.07 1.85
C GLY A 137 -5.94 3.91 0.58
N ALA A 138 -7.09 3.69 -0.05
CA ALA A 138 -7.40 4.33 -1.31
C ALA A 138 -7.49 5.84 -1.22
N ILE A 139 -7.89 6.41 -0.07
CA ILE A 139 -7.94 7.87 0.05
C ILE A 139 -6.79 8.20 1.06
N GLY A 140 -5.62 7.59 0.80
CA GLY A 140 -4.49 7.77 1.67
C GLY A 140 -3.22 7.42 0.86
N MET A 141 -2.16 7.08 1.57
CA MET A 141 -0.84 6.81 0.93
C MET A 141 -0.87 5.81 -0.23
N PRO A 142 -1.46 4.59 -0.01
CA PRO A 142 -1.44 3.69 -1.20
C PRO A 142 -2.19 4.32 -2.40
N GLY A 143 -3.34 4.91 -2.14
CA GLY A 143 -4.05 5.51 -3.25
C GLY A 143 -3.23 6.65 -3.88
N LEU A 144 -2.61 7.47 -3.04
CA LEU A 144 -1.76 8.54 -3.54
C LEU A 144 -0.64 7.94 -4.39
N THR A 145 -0.07 6.84 -3.88
CA THR A 145 1.03 6.21 -4.62
C THR A 145 0.60 5.80 -6.02
N SER A 146 -0.57 5.21 -6.12
CA SER A 146 -1.05 4.76 -7.43
C SER A 146 -1.35 5.95 -8.38
N LEU A 147 -2.06 6.95 -7.88
CA LEU A 147 -2.44 8.11 -8.69
C LEU A 147 -1.22 8.89 -9.15
N ILE A 148 -0.37 9.25 -8.21
CA ILE A 148 0.82 10.02 -8.56
C ILE A 148 1.80 9.22 -9.40
N GLY A 149 1.97 7.94 -9.06
CA GLY A 149 2.83 7.10 -9.87
C GLY A 149 2.36 7.07 -11.32
N ILE A 150 1.06 6.91 -11.54
CA ILE A 150 0.62 6.85 -12.94
C ILE A 150 0.73 8.23 -13.61
N GLN A 151 0.40 9.29 -12.86
CA GLN A 151 0.49 10.66 -13.40
C GLN A 151 1.93 11.03 -13.70
N GLU A 152 2.85 10.69 -12.80
CA GLU A 152 4.24 11.07 -13.01
C GLU A 152 5.12 10.14 -13.83
N LYS A 153 4.79 8.85 -13.86
CA LYS A 153 5.64 7.93 -14.59
C LYS A 153 4.88 7.13 -15.62
N GLY A 154 3.55 7.26 -15.67
CA GLY A 154 2.80 6.46 -16.60
C GLY A 154 2.78 6.89 -18.06
N HIS A 155 2.94 8.19 -18.31
CA HIS A 155 2.87 8.68 -19.69
C HIS A 155 1.64 8.23 -20.49
N ILE A 156 0.47 8.31 -19.88
CA ILE A 156 -0.75 7.95 -20.61
C ILE A 156 -1.30 9.29 -21.10
N THR A 157 -2.44 9.26 -21.78
CA THR A 157 -3.11 10.44 -22.30
C THR A 157 -4.59 10.07 -22.49
N ALA A 158 -5.50 11.01 -22.23
CA ALA A 158 -6.92 10.76 -22.45
C ALA A 158 -7.06 10.24 -23.90
N GLY A 159 -7.66 9.04 -24.07
CA GLY A 159 -7.85 8.45 -25.39
C GLY A 159 -6.59 7.97 -26.13
N SER A 160 -5.78 7.16 -25.47
CA SER A 160 -4.53 6.68 -26.07
C SER A 160 -4.73 5.25 -26.56
N ASN A 161 -5.72 4.59 -26.00
CA ASN A 161 -6.01 3.22 -26.35
C ASN A 161 -4.85 2.35 -25.88
N LYS A 162 -4.21 2.78 -24.79
CA LYS A 162 -3.11 2.04 -24.22
C LYS A 162 -3.56 0.90 -23.34
N THR A 163 -2.70 -0.12 -23.27
CA THR A 163 -2.91 -1.29 -22.44
C THR A 163 -1.95 -1.19 -21.24
N MET A 164 -2.54 -1.33 -20.05
CA MET A 164 -1.79 -1.29 -18.81
C MET A 164 -1.91 -2.63 -18.12
N VAL A 165 -0.79 -3.14 -17.60
CA VAL A 165 -0.82 -4.37 -16.81
C VAL A 165 -0.48 -3.91 -15.37
N VAL A 166 -1.16 -4.48 -14.40
CA VAL A 166 -0.93 -4.16 -13.01
C VAL A 166 -0.57 -5.46 -12.24
N SER A 167 0.60 -5.51 -11.59
CA SER A 167 0.91 -6.74 -10.78
C SER A 167 0.43 -6.37 -9.35
N GLY A 168 0.34 -7.35 -8.43
CA GLY A 168 -0.22 -7.07 -7.09
C GLY A 168 -1.58 -6.35 -7.28
N ALA A 169 -2.29 -6.75 -8.36
CA ALA A 169 -3.55 -6.13 -8.75
C ALA A 169 -4.69 -6.06 -7.75
N ALA A 170 -4.80 -7.02 -6.84
CA ALA A 170 -5.90 -7.02 -5.86
C ALA A 170 -5.45 -6.49 -4.51
N GLY A 171 -4.26 -5.86 -4.44
CA GLY A 171 -3.88 -5.29 -3.16
C GLY A 171 -4.26 -3.79 -3.08
N ALA A 172 -3.76 -3.10 -2.05
CA ALA A 172 -4.03 -1.67 -1.79
C ALA A 172 -3.66 -0.78 -2.97
N CYS A 173 -2.39 -0.73 -3.37
CA CYS A 173 -2.03 0.05 -4.52
C CYS A 173 -2.58 -0.49 -5.86
N GLY A 174 -2.42 -1.79 -6.11
CA GLY A 174 -2.82 -2.37 -7.37
C GLY A 174 -4.32 -2.21 -7.68
N SER A 175 -5.18 -2.42 -6.70
CA SER A 175 -6.63 -2.38 -6.97
C SER A 175 -7.08 -0.96 -7.38
N VAL A 176 -6.37 0.03 -6.85
CA VAL A 176 -6.63 1.42 -7.16
C VAL A 176 -5.95 1.81 -8.48
N ALA A 177 -4.71 1.35 -8.69
CA ALA A 177 -3.99 1.66 -9.92
C ALA A 177 -4.75 1.29 -11.20
N GLY A 178 -5.33 0.09 -11.22
CA GLY A 178 -6.03 -0.38 -12.37
C GLY A 178 -7.25 0.44 -12.72
N GLN A 179 -8.02 0.83 -11.71
CA GLN A 179 -9.20 1.67 -11.94
C GLN A 179 -8.74 3.05 -12.44
N ILE A 180 -7.68 3.55 -11.82
CA ILE A 180 -7.12 4.83 -12.25
C ILE A 180 -6.63 4.77 -13.70
N GLY A 181 -6.06 3.64 -14.12
CA GLY A 181 -5.61 3.50 -15.50
C GLY A 181 -6.79 3.78 -16.45
N HIS A 182 -7.94 3.13 -16.19
CA HIS A 182 -9.14 3.36 -17.00
C HIS A 182 -9.63 4.85 -16.88
N PHE A 183 -9.64 5.42 -15.69
CA PHE A 183 -10.07 6.82 -15.53
C PHE A 183 -9.24 7.78 -16.36
N LEU A 184 -7.96 7.47 -16.52
CA LEU A 184 -7.08 8.37 -17.24
C LEU A 184 -6.83 8.05 -18.68
N GLY A 185 -7.59 7.13 -19.29
CA GLY A 185 -7.36 6.88 -20.70
C GLY A 185 -6.94 5.53 -21.27
N CYS A 186 -6.47 4.61 -20.43
CA CYS A 186 -6.09 3.28 -20.89
C CYS A 186 -7.31 2.60 -21.43
N SER A 187 -7.20 1.90 -22.53
CA SER A 187 -8.40 1.25 -23.03
C SER A 187 -8.49 -0.18 -22.49
N ARG A 188 -7.36 -0.73 -22.09
CA ARG A 188 -7.34 -2.10 -21.58
C ARG A 188 -6.49 -2.13 -20.31
N VAL A 189 -7.03 -2.72 -19.25
CA VAL A 189 -6.35 -2.87 -17.97
C VAL A 189 -6.45 -4.36 -17.57
N VAL A 190 -5.29 -4.98 -17.42
CA VAL A 190 -5.21 -6.40 -17.08
C VAL A 190 -4.43 -6.55 -15.74
N GLY A 191 -4.99 -7.29 -14.79
CA GLY A 191 -4.30 -7.44 -13.52
C GLY A 191 -3.71 -8.81 -13.33
N ILE A 192 -2.67 -8.88 -12.51
CA ILE A 192 -2.08 -10.17 -12.20
C ILE A 192 -2.10 -10.24 -10.69
N CYS A 193 -2.71 -11.31 -10.19
CA CYS A 193 -2.79 -11.49 -8.74
C CYS A 193 -2.64 -12.98 -8.40
N GLY A 194 -2.68 -13.28 -7.10
CA GLY A 194 -2.42 -14.63 -6.66
C GLY A 194 -3.55 -15.61 -6.44
N THR A 195 -4.82 -15.21 -6.59
CA THR A 195 -5.90 -16.20 -6.44
C THR A 195 -7.04 -15.97 -7.46
N HIS A 196 -7.82 -17.03 -7.77
CA HIS A 196 -8.96 -16.82 -8.69
C HIS A 196 -10.04 -15.95 -8.04
N GLU A 197 -10.16 -16.06 -6.73
CA GLU A 197 -11.12 -15.23 -5.99
C GLU A 197 -10.80 -13.74 -6.28
N LYS A 198 -9.50 -13.40 -6.27
CA LYS A 198 -9.11 -12.01 -6.58
C LYS A 198 -9.38 -11.65 -8.03
N CYS A 199 -9.12 -12.58 -8.94
CA CYS A 199 -9.35 -12.31 -10.36
C CYS A 199 -10.82 -11.97 -10.61
N ILE A 200 -11.72 -12.78 -10.04
CA ILE A 200 -13.13 -12.51 -10.31
C ILE A 200 -13.55 -11.19 -9.67
N LEU A 201 -12.97 -10.85 -8.53
CA LEU A 201 -13.35 -9.60 -7.90
C LEU A 201 -12.86 -8.46 -8.83
N LEU A 202 -11.68 -8.60 -9.38
CA LEU A 202 -11.12 -7.54 -10.23
C LEU A 202 -11.92 -7.26 -11.50
N THR A 203 -12.33 -8.33 -12.17
CA THR A 203 -13.12 -8.18 -13.40
C THR A 203 -14.60 -7.88 -13.10
N SER A 204 -15.19 -8.50 -12.10
CA SER A 204 -16.59 -8.25 -11.87
C SER A 204 -16.93 -6.94 -11.11
N GLU A 205 -16.02 -6.45 -10.24
CA GLU A 205 -16.34 -5.25 -9.50
C GLU A 205 -15.45 -4.02 -9.75
N LEU A 206 -14.19 -4.23 -10.09
CA LEU A 206 -13.32 -3.07 -10.26
C LEU A 206 -13.09 -2.71 -11.69
N GLY A 207 -13.84 -3.32 -12.60
CA GLY A 207 -13.66 -2.97 -14.01
C GLY A 207 -12.43 -3.39 -14.77
N PHE A 208 -11.66 -4.34 -14.23
CA PHE A 208 -10.46 -4.77 -14.99
C PHE A 208 -11.00 -5.53 -16.21
N ASP A 209 -10.28 -5.50 -17.30
CA ASP A 209 -10.73 -6.19 -18.51
C ASP A 209 -10.39 -7.66 -18.46
N ALA A 210 -9.34 -7.99 -17.69
CA ALA A 210 -8.92 -9.37 -17.50
C ALA A 210 -8.06 -9.46 -16.21
N ALA A 211 -8.03 -10.65 -15.59
CA ALA A 211 -7.24 -10.89 -14.39
C ALA A 211 -6.63 -12.29 -14.48
N ILE A 212 -5.32 -12.35 -14.26
CA ILE A 212 -4.55 -13.58 -14.34
C ILE A 212 -4.05 -14.00 -12.95
N ASN A 213 -4.20 -15.29 -12.63
CA ASN A 213 -3.75 -15.85 -11.35
C ASN A 213 -2.33 -16.41 -11.62
N TYR A 214 -1.28 -15.71 -11.15
CA TYR A 214 0.08 -16.17 -11.44
C TYR A 214 0.41 -17.51 -10.83
N LYS A 215 -0.34 -17.94 -9.83
CA LYS A 215 -0.06 -19.24 -9.21
C LYS A 215 -0.60 -20.46 -10.00
N LYS A 216 -1.66 -20.25 -10.79
CA LYS A 216 -2.24 -21.40 -11.50
C LYS A 216 -2.37 -21.24 -13.02
N ASP A 217 -2.40 -20.01 -13.53
CA ASP A 217 -2.56 -19.81 -14.96
C ASP A 217 -1.17 -19.75 -15.63
N ASN A 218 -1.18 -19.91 -16.97
CA ASN A 218 0.03 -19.81 -17.81
C ASN A 218 0.05 -18.30 -18.01
N VAL A 219 0.90 -17.61 -17.25
CA VAL A 219 0.88 -16.15 -17.32
C VAL A 219 1.20 -15.58 -18.68
N ALA A 220 2.30 -16.02 -19.29
CA ALA A 220 2.73 -15.55 -20.61
C ALA A 220 1.63 -15.67 -21.67
N GLU A 221 1.05 -16.86 -21.72
CA GLU A 221 0.02 -17.15 -22.69
C GLU A 221 -1.19 -16.24 -22.45
N GLN A 222 -1.62 -16.15 -21.18
CA GLN A 222 -2.79 -15.32 -20.82
C GLN A 222 -2.55 -13.85 -21.14
N LEU A 223 -1.32 -13.37 -20.95
CA LEU A 223 -1.00 -11.97 -21.28
C LEU A 223 -1.09 -11.75 -22.81
N ARG A 224 -0.76 -12.80 -23.57
CA ARG A 224 -0.84 -12.74 -25.04
C ARG A 224 -2.30 -12.59 -25.49
N GLU A 225 -3.17 -13.37 -24.88
CA GLU A 225 -4.59 -13.31 -25.18
C GLU A 225 -5.22 -11.99 -24.78
N SER A 226 -4.97 -11.59 -23.53
CA SER A 226 -5.59 -10.38 -22.99
C SER A 226 -4.95 -9.06 -23.36
N CYS A 227 -3.72 -9.10 -23.89
CA CYS A 227 -3.06 -7.85 -24.27
C CYS A 227 -2.62 -8.10 -25.70
N PRO A 228 -3.59 -8.22 -26.62
CA PRO A 228 -3.26 -8.48 -28.03
C PRO A 228 -2.34 -7.47 -28.70
N ALA A 229 -2.29 -6.27 -28.18
CA ALA A 229 -1.45 -5.25 -28.77
C ALA A 229 -0.23 -4.90 -27.91
N GLY A 230 0.20 -5.83 -27.08
CA GLY A 230 1.35 -5.58 -26.23
C GLY A 230 0.96 -4.80 -25.00
N VAL A 231 1.96 -4.34 -24.24
CA VAL A 231 1.72 -3.62 -23.00
C VAL A 231 2.45 -2.29 -23.05
N ASP A 232 1.71 -1.22 -22.79
CA ASP A 232 2.23 0.13 -22.84
C ASP A 232 2.65 0.61 -21.49
N VAL A 233 1.93 0.17 -20.46
CA VAL A 233 2.26 0.57 -19.10
C VAL A 233 2.21 -0.58 -18.10
N TYR A 234 3.25 -0.69 -17.26
CA TYR A 234 3.31 -1.75 -16.26
C TYR A 234 3.40 -1.13 -14.89
N PHE A 235 2.31 -1.21 -14.11
CA PHE A 235 2.32 -0.68 -12.76
C PHE A 235 2.79 -1.93 -11.98
N ASP A 236 4.08 -1.90 -11.59
CA ASP A 236 4.76 -3.03 -10.92
C ASP A 236 4.82 -2.93 -9.39
N ASN A 237 4.20 -3.88 -8.70
CA ASN A 237 4.23 -3.88 -7.26
C ASN A 237 5.04 -5.09 -6.73
N VAL A 238 5.37 -6.03 -7.63
CA VAL A 238 5.99 -7.30 -7.17
C VAL A 238 7.37 -7.69 -7.67
N GLY A 239 7.74 -7.28 -8.87
CA GLY A 239 9.03 -7.66 -9.40
C GLY A 239 9.16 -9.16 -9.70
N GLY A 240 10.43 -9.57 -9.76
CA GLY A 240 10.69 -11.00 -9.95
C GLY A 240 10.24 -11.61 -11.24
N ASN A 241 9.94 -12.91 -11.22
CA ASN A 241 9.58 -13.61 -12.43
C ASN A 241 8.31 -13.09 -13.08
N ILE A 242 7.35 -12.61 -12.30
CA ILE A 242 6.13 -12.04 -12.89
C ILE A 242 6.54 -10.84 -13.73
N SER A 243 7.39 -9.97 -13.19
CA SER A 243 7.76 -8.80 -13.98
C SER A 243 8.52 -9.11 -15.25
N ASP A 244 9.39 -10.13 -15.19
CA ASP A 244 10.14 -10.54 -16.37
C ASP A 244 9.16 -10.94 -17.49
N THR A 245 8.18 -11.74 -17.12
CA THR A 245 7.17 -12.14 -18.08
C THR A 245 6.48 -10.89 -18.62
N VAL A 246 6.10 -9.96 -17.75
CA VAL A 246 5.41 -8.76 -18.26
C VAL A 246 6.33 -7.94 -19.20
N ILE A 247 7.55 -7.69 -18.76
CA ILE A 247 8.47 -6.89 -19.55
C ILE A 247 8.69 -7.44 -20.97
N SER A 248 8.66 -8.77 -21.07
CA SER A 248 8.80 -9.52 -22.35
C SER A 248 7.74 -9.14 -23.38
N GLN A 249 6.55 -8.75 -22.90
CA GLN A 249 5.48 -8.43 -23.82
C GLN A 249 5.20 -6.93 -23.90
N MET A 250 6.18 -6.14 -23.47
CA MET A 250 6.03 -4.69 -23.46
C MET A 250 6.48 -4.05 -24.78
N ASN A 251 5.83 -2.95 -25.14
CA ASN A 251 6.11 -2.26 -26.40
C ASN A 251 7.24 -1.28 -26.39
N GLU A 252 7.62 -0.83 -27.59
CA GLU A 252 8.70 0.14 -27.75
C GLU A 252 8.30 1.39 -27.03
N ASN A 253 9.25 1.99 -26.33
CA ASN A 253 8.98 3.22 -25.60
C ASN A 253 7.93 3.15 -24.49
N SER A 254 7.74 1.95 -23.94
CA SER A 254 6.75 1.77 -22.88
C SER A 254 7.32 2.21 -21.56
N HIS A 255 6.49 2.17 -20.52
CA HIS A 255 6.92 2.64 -19.23
C HIS A 255 6.53 1.72 -18.07
N ILE A 256 7.50 1.48 -17.19
CA ILE A 256 7.23 0.67 -16.01
C ILE A 256 7.15 1.62 -14.84
N ILE A 257 6.01 1.64 -14.16
CA ILE A 257 5.89 2.43 -12.96
C ILE A 257 6.40 1.46 -11.86
N LEU A 258 7.59 1.74 -11.35
CA LEU A 258 8.26 0.90 -10.34
C LEU A 258 7.76 1.23 -8.95
N CYS A 259 6.60 0.70 -8.60
CA CYS A 259 6.04 1.00 -7.30
C CYS A 259 6.70 0.15 -6.19
N GLY A 260 6.77 -1.16 -6.37
CA GLY A 260 7.42 -1.97 -5.35
C GLY A 260 7.90 -3.25 -5.97
N GLN A 261 8.56 -4.09 -5.17
CA GLN A 261 9.05 -5.40 -5.66
C GLN A 261 8.88 -6.40 -4.54
N ILE A 262 7.64 -6.53 -4.07
CA ILE A 262 7.42 -7.38 -2.93
C ILE A 262 7.91 -8.83 -3.00
N SER A 263 8.04 -9.38 -4.21
CA SER A 263 8.51 -10.78 -4.30
C SER A 263 9.97 -10.90 -3.77
N GLN A 264 10.66 -9.78 -3.61
CA GLN A 264 12.09 -9.78 -3.15
C GLN A 264 12.29 -9.34 -1.69
N TYR A 265 11.23 -8.90 -1.02
CA TYR A 265 11.35 -8.36 0.33
C TYR A 265 11.81 -9.30 1.40
N ASN A 266 11.75 -10.60 1.16
CA ASN A 266 12.24 -11.58 2.14
C ASN A 266 13.58 -12.18 1.66
N LYS A 267 14.32 -11.42 0.85
CA LYS A 267 15.62 -11.84 0.34
C LYS A 267 16.59 -10.73 0.62
N ASP A 268 17.85 -11.08 0.73
CA ASP A 268 18.91 -10.11 1.00
C ASP A 268 19.43 -9.58 -0.35
N VAL A 269 18.67 -8.67 -0.95
CA VAL A 269 19.04 -8.12 -2.26
C VAL A 269 18.87 -6.60 -2.28
N PRO A 270 19.53 -5.94 -3.22
CA PRO A 270 19.41 -4.49 -3.30
C PRO A 270 18.07 -4.08 -3.86
N TYR A 271 17.63 -2.88 -3.51
CA TYR A 271 16.39 -2.37 -4.05
C TYR A 271 16.80 -1.06 -4.74
N PRO A 272 16.35 -0.85 -5.98
CA PRO A 272 15.50 -1.82 -6.68
C PRO A 272 16.32 -2.97 -7.23
N PRO A 273 15.72 -4.14 -7.25
CA PRO A 273 16.43 -5.32 -7.78
C PRO A 273 16.79 -5.07 -9.27
N PRO A 274 17.95 -5.58 -9.74
CA PRO A 274 18.21 -5.31 -11.16
C PRO A 274 17.50 -6.38 -12.01
N LEU A 275 17.22 -6.08 -13.27
CA LEU A 275 16.56 -7.08 -14.13
C LEU A 275 17.56 -8.18 -14.55
N SER A 276 17.10 -9.39 -14.80
CA SER A 276 18.01 -10.46 -15.24
C SER A 276 18.62 -10.04 -16.60
N PRO A 277 19.86 -10.46 -16.88
CA PRO A 277 20.51 -10.09 -18.18
C PRO A 277 19.61 -10.09 -19.42
N ALA A 278 18.90 -11.18 -19.68
CA ALA A 278 18.04 -11.22 -20.85
C ALA A 278 16.88 -10.19 -20.80
N ILE A 279 16.35 -9.96 -19.59
CA ILE A 279 15.22 -9.04 -19.47
C ILE A 279 15.70 -7.60 -19.60
N GLU A 280 16.84 -7.33 -19.01
CA GLU A 280 17.42 -6.00 -19.12
C GLU A 280 17.75 -5.66 -20.57
N ALA A 281 18.14 -6.68 -21.33
CA ALA A 281 18.47 -6.46 -22.74
C ALA A 281 17.17 -6.07 -23.45
N ILE A 282 16.09 -6.78 -23.16
CA ILE A 282 14.86 -6.45 -23.77
C ILE A 282 14.49 -5.02 -23.38
N GLN A 283 14.60 -4.69 -22.11
CA GLN A 283 14.28 -3.34 -21.62
C GLN A 283 14.93 -2.23 -22.43
N LYS A 284 16.26 -2.29 -22.47
CA LYS A 284 17.09 -1.32 -23.20
C LYS A 284 16.83 -1.35 -24.71
N GLU A 285 16.74 -2.54 -25.29
CA GLU A 285 16.48 -2.64 -26.71
C GLU A 285 15.16 -1.93 -27.06
N ARG A 286 14.08 -2.18 -26.29
CA ARG A 286 12.80 -1.50 -26.57
C ARG A 286 12.72 -0.11 -25.96
N ASN A 287 13.79 0.35 -25.33
CA ASN A 287 13.77 1.69 -24.77
C ASN A 287 12.61 1.82 -23.75
N ILE A 288 12.55 0.89 -22.80
CA ILE A 288 11.52 0.90 -21.75
C ILE A 288 12.12 1.60 -20.54
N THR A 289 11.41 2.59 -20.04
CA THR A 289 11.81 3.36 -18.90
C THR A 289 11.37 2.61 -17.64
N ARG A 290 12.24 2.57 -16.64
CA ARG A 290 11.96 1.92 -15.37
C ARG A 290 12.77 2.71 -14.35
N GLU A 291 12.16 3.77 -13.81
CA GLU A 291 12.81 4.66 -12.83
C GLU A 291 12.26 4.48 -11.43
N ARG A 292 13.08 4.75 -10.41
CA ARG A 292 12.64 4.64 -9.02
C ARG A 292 11.47 5.61 -8.78
N PHE A 293 10.49 5.21 -7.99
CA PHE A 293 9.36 6.06 -7.70
C PHE A 293 9.11 5.97 -6.23
N LEU A 294 9.16 7.09 -5.53
CA LEU A 294 8.88 7.09 -4.11
C LEU A 294 7.82 8.19 -3.84
N VAL A 295 6.59 7.75 -3.53
CA VAL A 295 5.51 8.71 -3.30
C VAL A 295 5.91 9.90 -2.38
N LEU A 296 6.74 9.67 -1.37
CA LEU A 296 7.14 10.79 -0.50
C LEU A 296 7.88 11.98 -1.19
N ASN A 297 8.34 11.77 -2.42
CA ASN A 297 9.02 12.81 -3.18
C ASN A 297 8.01 13.70 -3.93
N TYR A 298 6.73 13.65 -3.55
CA TYR A 298 5.76 14.45 -4.27
C TYR A 298 4.70 14.94 -3.30
N LYS A 299 5.14 15.26 -2.09
CA LYS A 299 4.25 15.72 -1.04
C LYS A 299 3.40 16.93 -1.40
N ASP A 300 3.77 17.65 -2.46
CA ASP A 300 3.03 18.81 -2.90
C ASP A 300 1.86 18.41 -3.79
N LYS A 301 1.77 17.13 -4.15
CA LYS A 301 0.64 16.73 -4.95
C LYS A 301 -0.30 15.95 -4.09
N PHE A 302 0.03 15.83 -2.81
CA PHE A 302 -0.79 15.07 -1.92
C PHE A 302 -2.22 15.65 -1.81
N GLU A 303 -2.32 16.98 -1.73
CA GLU A 303 -3.63 17.60 -1.60
C GLU A 303 -4.51 17.36 -2.80
N PRO A 304 -4.04 17.73 -3.97
CA PRO A 304 -4.87 17.51 -5.14
C PRO A 304 -5.09 16.01 -5.45
N GLY A 305 -4.15 15.16 -5.01
CA GLY A 305 -4.32 13.73 -5.22
C GLY A 305 -5.48 13.20 -4.37
N ILE A 306 -5.44 13.55 -3.09
CA ILE A 306 -6.44 13.14 -2.09
C ILE A 306 -7.83 13.70 -2.50
N LEU A 307 -7.85 14.93 -3.00
CA LEU A 307 -9.15 15.53 -3.39
C LEU A 307 -9.72 14.79 -4.59
N GLN A 308 -8.85 14.40 -5.52
CA GLN A 308 -9.25 13.68 -6.71
C GLN A 308 -9.70 12.25 -6.36
N LEU A 309 -8.95 11.60 -5.48
CA LEU A 309 -9.32 10.26 -5.08
C LEU A 309 -10.69 10.34 -4.37
N SER A 310 -10.86 11.31 -3.49
CA SER A 310 -12.15 11.41 -2.77
C SER A 310 -13.32 11.61 -3.77
N GLN A 311 -13.07 12.46 -4.75
CA GLN A 311 -14.07 12.82 -5.77
C GLN A 311 -14.53 11.59 -6.53
N TRP A 312 -13.55 10.84 -7.04
CA TRP A 312 -13.86 9.61 -7.77
C TRP A 312 -14.65 8.61 -6.91
N PHE A 313 -14.37 8.56 -5.63
CA PHE A 313 -15.07 7.64 -4.73
C PHE A 313 -16.51 8.14 -4.51
N LYS A 314 -16.65 9.43 -4.24
CA LYS A 314 -17.99 10.00 -4.04
C LYS A 314 -18.84 9.85 -5.30
N GLU A 315 -18.21 9.96 -6.46
CA GLU A 315 -18.91 9.83 -7.73
C GLU A 315 -19.29 8.39 -8.03
N GLY A 316 -18.87 7.47 -7.18
CA GLY A 316 -19.20 6.07 -7.43
C GLY A 316 -18.30 5.38 -8.46
N LYS A 317 -17.28 6.08 -8.92
CA LYS A 317 -16.35 5.54 -9.90
C LYS A 317 -15.26 4.66 -9.26
N LEU A 318 -14.61 5.17 -8.21
CA LEU A 318 -13.53 4.47 -7.55
C LEU A 318 -14.08 3.52 -6.52
N LYS A 319 -13.86 2.22 -6.71
CA LYS A 319 -14.33 1.22 -5.77
C LYS A 319 -13.21 0.91 -4.77
N ILE A 320 -13.58 0.98 -3.49
CA ILE A 320 -12.63 0.77 -2.45
C ILE A 320 -12.80 -0.54 -1.76
N LYS A 321 -11.80 -1.41 -1.88
CA LYS A 321 -11.85 -2.71 -1.20
C LYS A 321 -10.85 -2.74 -0.03
N GLU A 322 -11.27 -3.31 1.07
CA GLU A 322 -10.39 -3.45 2.23
C GLU A 322 -10.70 -4.77 2.93
N THR A 323 -9.73 -5.26 3.70
CA THR A 323 -9.90 -6.51 4.49
C THR A 323 -9.56 -6.07 5.90
N VAL A 324 -10.57 -6.05 6.75
CA VAL A 324 -10.40 -5.63 8.13
C VAL A 324 -10.28 -6.78 9.11
N ILE A 325 -9.27 -6.70 9.95
CA ILE A 325 -9.07 -7.69 10.99
C ILE A 325 -9.33 -6.93 12.30
N ASN A 326 -9.99 -7.54 13.27
CA ASN A 326 -10.27 -6.83 14.54
C ASN A 326 -9.32 -7.12 15.71
N GLY A 327 -8.89 -6.07 16.39
CA GLY A 327 -8.06 -6.27 17.57
C GLY A 327 -6.55 -6.14 17.48
N LEU A 328 -5.98 -5.34 18.40
CA LEU A 328 -4.51 -5.13 18.42
C LEU A 328 -3.73 -6.43 18.52
N GLU A 329 -4.28 -7.40 19.24
CA GLU A 329 -3.59 -8.68 19.41
C GLU A 329 -3.38 -9.37 18.07
N ASN A 330 -4.09 -8.91 17.04
CA ASN A 330 -3.95 -9.50 15.73
C ASN A 330 -3.05 -8.77 14.76
N MET A 331 -2.26 -7.77 15.23
CA MET A 331 -1.38 -7.02 14.32
C MET A 331 -0.37 -7.92 13.60
N GLY A 332 0.27 -8.83 14.36
CA GLY A 332 1.23 -9.72 13.75
C GLY A 332 0.54 -10.67 12.78
N ALA A 333 -0.65 -11.18 13.10
CA ALA A 333 -1.33 -12.09 12.17
C ALA A 333 -1.70 -11.29 10.88
N ALA A 334 -2.11 -10.04 11.01
CA ALA A 334 -2.48 -9.20 9.87
C ALA A 334 -1.30 -8.93 8.98
N PHE A 335 -0.14 -8.64 9.58
CA PHE A 335 1.03 -8.37 8.77
C PHE A 335 1.41 -9.63 7.99
N GLN A 336 1.43 -10.74 8.72
CA GLN A 336 1.79 -12.02 8.11
C GLN A 336 0.76 -12.33 6.99
N SER A 337 -0.51 -12.14 7.31
CA SER A 337 -1.55 -12.38 6.30
C SER A 337 -1.36 -11.53 5.02
N MET A 338 -1.16 -10.21 5.17
CA MET A 338 -0.98 -9.37 4.00
C MET A 338 0.26 -9.77 3.16
N MET A 339 1.35 -10.07 3.83
CA MET A 339 2.60 -10.46 3.15
C MET A 339 2.41 -11.76 2.36
N THR A 340 1.44 -12.58 2.75
CA THR A 340 1.22 -13.84 2.04
C THR A 340 -0.07 -13.88 1.25
N GLY A 341 -0.63 -12.71 0.93
CA GLY A 341 -1.81 -12.68 0.09
C GLY A 341 -3.16 -12.91 0.70
N GLY A 342 -3.26 -12.89 2.03
CA GLY A 342 -4.58 -13.09 2.60
C GLY A 342 -5.50 -11.86 2.42
N ASN A 343 -4.93 -10.68 2.07
CA ASN A 343 -5.81 -9.50 1.95
C ASN A 343 -6.34 -9.27 0.53
N ILE A 344 -7.54 -8.72 0.47
CA ILE A 344 -8.11 -8.29 -0.79
C ILE A 344 -8.27 -6.84 -0.56
N GLY A 345 -7.63 -6.06 -1.40
CA GLY A 345 -7.65 -4.62 -1.19
C GLY A 345 -6.73 -4.30 0.01
N LYS A 346 -6.99 -3.20 0.69
CA LYS A 346 -6.12 -2.75 1.78
C LYS A 346 -6.27 -3.52 3.12
N GLN A 347 -5.17 -4.06 3.66
CA GLN A 347 -5.21 -4.75 4.94
C GLN A 347 -5.28 -3.70 6.10
N ILE A 348 -6.35 -3.77 6.86
CA ILE A 348 -6.60 -2.86 7.93
C ILE A 348 -6.79 -3.58 9.26
N VAL A 349 -6.33 -2.98 10.35
CA VAL A 349 -6.66 -3.56 11.65
C VAL A 349 -7.54 -2.60 12.44
N CYS A 350 -8.73 -3.05 12.85
CA CYS A 350 -9.62 -2.17 13.61
C CYS A 350 -9.28 -2.31 15.11
N ILE A 351 -8.94 -1.19 15.75
CA ILE A 351 -8.51 -1.21 17.14
C ILE A 351 -9.62 -0.94 18.13
N SER A 352 -10.52 -0.04 17.77
CA SER A 352 -11.67 0.27 18.60
C SER A 352 -12.72 0.96 17.72
S SO4 B . -8.31 -19.46 -5.12
O1 SO4 B . -9.37 -18.41 -5.18
O2 SO4 B . -7.70 -19.46 -3.74
O3 SO4 B . -8.95 -20.79 -5.24
O4 SO4 B . -7.26 -19.38 -6.22
S SO4 C . 4.39 -18.53 -16.69
O1 SO4 C . 4.30 -17.74 -17.95
O2 SO4 C . 5.33 -17.89 -15.73
O3 SO4 C . 3.06 -18.68 -16.07
O4 SO4 C . 4.92 -19.89 -17.01
PA NAP D . -0.82 -5.09 -1.04
O1A NAP D . -2.05 -4.71 -0.48
O2A NAP D . -0.58 -5.15 -2.44
O5B NAP D . -0.41 -6.38 -0.22
C5B NAP D . 0.67 -7.23 -0.64
C4B NAP D . 0.24 -8.25 -1.75
O4B NAP D . 1.43 -8.63 -2.45
C3B NAP D . -0.34 -9.48 -1.19
O3B NAP D . -1.70 -9.37 -0.81
C2B NAP D . -0.01 -10.51 -2.18
O2B NAP D . -1.14 -10.78 -3.02
C1B NAP D . 1.16 -9.94 -2.99
N9A NAP D . 2.35 -10.69 -2.83
C8A NAP D . 3.07 -11.00 -1.61
N7A NAP D . 4.14 -11.74 -1.88
C5A NAP D . 4.19 -11.90 -3.16
C6A NAP D . 5.13 -12.60 -4.08
N6A NAP D . 6.24 -13.27 -3.68
N1A NAP D . 4.84 -12.56 -5.45
C2A NAP D . 3.74 -11.91 -6.01
N3A NAP D . 2.81 -11.23 -5.24
C4A NAP D . 3.06 -11.25 -3.82
O3 NAP D . 0.29 -4.01 -0.37
PN NAP D . 0.39 -2.52 -0.80
O1N NAP D . -0.56 -2.24 -1.80
O2N NAP D . 0.36 -1.80 0.42
O5D NAP D . 1.79 -2.41 -1.49
C5D NAP D . 2.06 -3.02 -2.74
C4D NAP D . 3.50 -2.70 -3.21
O4D NAP D . 3.67 -1.28 -3.40
C3D NAP D . 4.69 -3.07 -2.29
O3D NAP D . 5.66 -3.56 -3.19
C2D NAP D . 5.07 -1.74 -1.63
O2D NAP D . 6.42 -1.85 -1.22
C1D NAP D . 4.83 -0.80 -2.71
N1N NAP D . 4.54 0.56 -2.27
C2N NAP D . 5.42 1.50 -2.87
C3N NAP D . 5.29 2.87 -2.58
C7N NAP D . 6.20 3.90 -3.22
O7N NAP D . 6.25 4.98 -2.69
N7N NAP D . 6.84 3.55 -4.37
C4N NAP D . 4.21 3.25 -1.63
C5N NAP D . 3.28 2.32 -0.98
C6N NAP D . 3.44 0.93 -1.31
P2B NAP D . -1.24 -11.92 -4.23
O1X NAP D . -1.60 -11.26 -5.56
O2X NAP D . 0.10 -12.61 -4.28
O3X NAP D . -2.37 -12.76 -3.55
C IMN E . 8.64 3.59 3.07
C1 IMN E . 8.94 2.87 1.81
C2 IMN E . 10.06 1.96 1.68
C3 IMN E . 10.94 1.65 2.68
C4 IMN E . 10.75 2.34 4.06
C5 IMN E . 9.62 3.29 4.25
C6 IMN E . 12.92 0.19 2.88
C7 IMN E . 7.99 3.22 0.83
C8 IMN E . 7.10 4.13 1.36
C9 IMN E . 6.61 5.37 3.57
C10 IMN E . 6.91 5.72 4.93
C11 IMN E . 8.17 6.50 5.23
C12 IMN E . 8.46 6.83 6.60
C13 IMN E . 7.51 6.39 7.63
C14 IMN E . 6.27 5.65 7.36
C15 IMN E . 5.96 5.30 6.02
C16 IMN E . 5.97 4.75 0.63
C17 IMN E . 8.15 2.60 -0.47
C18 IMN E . 7.73 1.13 -0.54
N IMN E . 7.42 4.42 2.76
O IMN E . 11.86 0.70 2.11
O1 IMN E . 5.60 5.96 3.13
O2 IMN E . 6.83 0.57 0.09
O3 IMN E . 8.50 0.44 -1.44
CL IMN E . 7.71 6.64 8.69
#